data_8DUB
#
_entry.id   8DUB
#
_cell.length_a   102.523
_cell.length_b   57.893
_cell.length_c   87.725
_cell.angle_alpha   90.00
_cell.angle_beta   103.09
_cell.angle_gamma   90.00
#
_symmetry.space_group_name_H-M   'C 1 2 1'
#
loop_
_entity.id
_entity.type
_entity.pdbx_description
1 polymer 'Estrogen receptor'
2 non-polymer "[(1'R)-1'-(4-{[(3S)-1-ethylpyrrolidin-3-yl]oxy}phenyl)-6'-hydroxy-1',4'-dihydro-2'H-spiro[cyclopropane-1,3'-isoquinolin]-2'-yl](phenyl)methanone"
3 water water
#
_entity_poly.entity_id   1
_entity_poly.type   'polypeptide(L)'
_entity_poly.pdbx_seq_one_letter_code
;MSKKNSLALSLTADQMVSALLDAEPPILYSEYDPTRPFSEASMMGLLTNLADRELVHMINWAKRVPGFVDLTLHDQVHLL
ESAWLEILMIGLVWRSMEHPGKLLFAPNLLLDRNQGKSVEGMVEIFDMLLATSSRFRMMNLQGEEFVCLKSIILLNSGVY
TFLSSTLKSLEEKDHIHRVLDKITDTLIHLMAKAGLTLQQQHQRLAQLLLILSHIRHMSNKGMEHLYSMKSKNVVPSYDL
LLEMLDAHRLHAPTS
;
_entity_poly.pdbx_strand_id   A,B
#
loop_
_chem_comp.id
_chem_comp.type
_chem_comp.name
_chem_comp.formula
TTU non-polymer [(1'R)-1'-(4-{[(3S)-1-ethylpyrrolidin-3-yl]oxy}phenyl)-6'-hydroxy-1',4'-dihydro-2'H-spiro[cyclopropane-1,3'-isoquinolin]-2'-yl](phenyl)methanone 'C30 H32 N2 O3'
#
# COMPACT_ATOMS: atom_id res chain seq x y z
N LEU A 11 -22.44 14.89 -2.98
CA LEU A 11 -22.26 14.20 -4.28
C LEU A 11 -22.81 12.77 -4.30
N THR A 12 -23.58 12.42 -5.32
CA THR A 12 -23.87 11.00 -5.51
C THR A 12 -22.69 10.27 -6.16
N ALA A 13 -22.75 8.94 -6.17
CA ALA A 13 -21.71 8.16 -6.85
C ALA A 13 -21.59 8.58 -8.30
N ASP A 14 -22.72 8.74 -9.02
CA ASP A 14 -22.61 9.06 -10.42
C ASP A 14 -22.00 10.44 -10.60
N GLN A 15 -22.32 11.36 -9.69
CA GLN A 15 -21.72 12.68 -9.75
C GLN A 15 -20.24 12.61 -9.40
N MET A 16 -19.86 11.72 -8.48
CA MET A 16 -18.44 11.55 -8.17
C MET A 16 -17.69 11.08 -9.39
N VAL A 17 -18.20 10.06 -10.10
CA VAL A 17 -17.51 9.55 -11.28
C VAL A 17 -17.35 10.66 -12.32
N SER A 18 -18.46 11.38 -12.56
CA SER A 18 -18.43 12.44 -13.56
C SER A 18 -17.37 13.47 -13.25
N ALA A 19 -17.31 13.94 -12.00
CA ALA A 19 -16.33 14.93 -11.64
C ALA A 19 -14.90 14.41 -11.85
N LEU A 20 -14.66 13.13 -11.52
CA LEU A 20 -13.32 12.59 -11.66
C LEU A 20 -12.95 12.40 -13.13
N LEU A 21 -13.89 11.90 -13.94
CA LEU A 21 -13.62 11.77 -15.38
C LEU A 21 -13.36 13.13 -16.01
N ASP A 22 -14.10 14.15 -15.61
CA ASP A 22 -13.87 15.47 -16.20
C ASP A 22 -12.58 16.11 -15.70
N ALA A 23 -12.05 15.67 -14.56
CA ALA A 23 -10.80 16.24 -14.07
C ALA A 23 -9.56 15.68 -14.75
N GLU A 24 -9.72 14.61 -15.53
CA GLU A 24 -8.57 13.79 -15.95
C GLU A 24 -7.62 14.66 -16.74
N PRO A 25 -6.32 14.59 -16.49
CA PRO A 25 -5.40 15.44 -17.24
C PRO A 25 -5.21 14.89 -18.62
N PRO A 26 -4.69 15.70 -19.52
CA PRO A 26 -4.43 15.22 -20.88
C PRO A 26 -3.23 14.28 -20.91
N ILE A 27 -3.12 13.51 -21.96
CA ILE A 27 -1.90 12.75 -22.25
C ILE A 27 -0.87 13.62 -22.95
N LEU A 28 0.29 13.80 -22.33
CA LEU A 28 1.30 14.70 -22.88
C LEU A 28 2.27 13.94 -23.78
N TYR A 29 2.97 14.68 -24.61
CA TYR A 29 3.97 14.13 -25.50
C TYR A 29 5.37 14.38 -24.99
N SER A 30 6.26 13.49 -25.38
CA SER A 30 7.66 13.77 -25.19
C SER A 30 8.10 14.87 -26.16
N GLU A 31 9.15 15.60 -25.77
CA GLU A 31 9.54 16.75 -26.57
C GLU A 31 10.08 16.38 -27.95
N PHE A 38 16.05 10.62 -30.35
CA PHE A 38 16.06 9.62 -29.28
C PHE A 38 17.29 8.70 -29.33
N SER A 39 17.87 8.54 -28.16
CA SER A 39 19.06 7.75 -27.88
C SER A 39 19.00 7.46 -26.40
N GLU A 40 19.78 6.46 -25.95
CA GLU A 40 19.79 6.12 -24.54
C GLU A 40 20.32 7.28 -23.68
N ALA A 41 21.36 7.97 -24.16
CA ALA A 41 21.91 9.16 -23.48
C ALA A 41 20.84 10.22 -23.17
N SER A 42 19.89 10.44 -24.06
CA SER A 42 18.99 11.56 -23.81
C SER A 42 17.73 11.13 -23.05
N MET A 43 17.59 9.85 -22.75
CA MET A 43 16.34 9.29 -22.28
C MET A 43 15.89 9.90 -20.94
N MET A 44 16.82 9.96 -19.96
CA MET A 44 16.45 10.52 -18.64
C MET A 44 16.10 11.98 -18.73
N GLY A 45 16.71 12.69 -19.67
CA GLY A 45 16.35 14.07 -19.89
C GLY A 45 14.92 14.21 -20.43
N LEU A 46 14.55 13.37 -21.39
CA LEU A 46 13.20 13.45 -21.92
C LEU A 46 12.19 13.08 -20.84
N LEU A 47 12.49 12.04 -20.07
CA LEU A 47 11.52 11.58 -19.03
C LEU A 47 11.35 12.65 -17.96
N THR A 48 12.45 13.25 -17.56
CA THR A 48 12.38 14.30 -16.52
C THR A 48 11.49 15.43 -17.03
N ASN A 49 11.76 15.85 -18.25
CA ASN A 49 11.00 16.99 -18.83
C ASN A 49 9.51 16.62 -18.88
N LEU A 50 9.22 15.40 -19.28
CA LEU A 50 7.83 14.99 -19.39
C LEU A 50 7.16 15.00 -18.00
N ALA A 51 7.83 14.46 -17.02
CA ALA A 51 7.26 14.40 -15.68
C ALA A 51 7.04 15.80 -15.12
N ASP A 52 7.99 16.70 -15.38
CA ASP A 52 7.85 18.07 -14.91
C ASP A 52 6.60 18.71 -15.50
N ARG A 53 6.33 18.46 -16.81
CA ARG A 53 5.15 19.04 -17.38
C ARG A 53 3.90 18.35 -16.83
N GLU A 54 3.99 17.03 -16.57
CA GLU A 54 2.83 16.32 -16.07
C GLU A 54 2.46 16.83 -14.68
N LEU A 55 3.46 17.22 -13.91
CA LEU A 55 3.16 17.67 -12.55
C LEU A 55 2.27 18.91 -12.55
N VAL A 56 2.49 19.83 -13.49
CA VAL A 56 1.62 20.99 -13.53
C VAL A 56 0.17 20.57 -13.68
N HIS A 57 -0.11 19.68 -14.63
CA HIS A 57 -1.49 19.23 -14.83
C HIS A 57 -2.01 18.40 -13.66
N MET A 58 -1.10 17.71 -13.00
CA MET A 58 -1.51 16.95 -11.81
C MET A 58 -2.03 17.90 -10.74
N ILE A 59 -1.39 19.06 -10.59
CA ILE A 59 -1.85 20.01 -9.58
C ILE A 59 -3.27 20.41 -9.89
N ASN A 60 -3.55 20.76 -11.17
CA ASN A 60 -4.91 21.17 -11.57
C ASN A 60 -5.92 20.08 -11.36
N TRP A 61 -5.53 18.85 -11.69
CA TRP A 61 -6.36 17.69 -11.41
C TRP A 61 -6.67 17.55 -9.93
N ALA A 62 -5.65 17.68 -9.06
CA ALA A 62 -5.91 17.44 -7.64
C ALA A 62 -6.93 18.45 -7.12
N LYS A 63 -6.85 19.70 -7.59
CA LYS A 63 -7.80 20.69 -7.09
C LYS A 63 -9.22 20.38 -7.53
N ARG A 64 -9.37 19.53 -8.54
CA ARG A 64 -10.69 19.17 -8.99
C ARG A 64 -11.19 17.88 -8.37
N VAL A 65 -10.40 17.20 -7.52
CA VAL A 65 -10.83 15.97 -6.87
C VAL A 65 -11.75 16.39 -5.71
N PRO A 66 -13.01 15.96 -5.69
CA PRO A 66 -13.97 16.51 -4.73
C PRO A 66 -13.40 16.42 -3.32
N GLY A 67 -13.46 17.51 -2.55
CA GLY A 67 -12.99 17.51 -1.17
C GLY A 67 -11.56 17.97 -0.98
N PHE A 68 -10.72 17.86 -2.04
CA PHE A 68 -9.32 18.19 -1.91
C PHE A 68 -9.14 19.66 -1.54
N VAL A 69 -9.81 20.58 -2.26
CA VAL A 69 -9.59 21.99 -1.92
C VAL A 69 -10.31 22.43 -0.64
N ASP A 70 -11.06 21.55 0.02
CA ASP A 70 -11.56 21.95 1.34
C ASP A 70 -10.45 21.93 2.39
N LEU A 71 -9.36 21.24 2.11
CA LEU A 71 -8.23 21.17 3.00
C LEU A 71 -7.45 22.49 3.02
N THR A 72 -6.61 22.64 4.04
CA THR A 72 -5.71 23.79 4.09
C THR A 72 -4.68 23.65 2.97
N LEU A 73 -4.14 24.78 2.52
CA LEU A 73 -3.07 24.70 1.52
C LEU A 73 -1.90 23.87 2.03
N HIS A 74 -1.55 24.02 3.32
CA HIS A 74 -0.47 23.23 3.91
C HIS A 74 -0.71 21.73 3.74
N ASP A 75 -1.92 21.26 4.11
CA ASP A 75 -2.24 19.85 3.98
C ASP A 75 -2.33 19.41 2.51
N GLN A 76 -2.86 20.27 1.64
CA GLN A 76 -2.85 19.96 0.21
C GLN A 76 -1.44 19.69 -0.28
N VAL A 77 -0.49 20.55 0.10
CA VAL A 77 0.91 20.34 -0.31
C VAL A 77 1.44 19.01 0.23
N HIS A 78 1.17 18.73 1.51
CA HIS A 78 1.66 17.49 2.10
C HIS A 78 1.12 16.25 1.39
N LEU A 79 -0.17 16.25 1.00
CA LEU A 79 -0.72 15.10 0.28
C LEU A 79 -0.04 14.95 -1.08
N LEU A 80 0.21 16.06 -1.77
CA LEU A 80 0.86 15.97 -3.08
C LEU A 80 2.31 15.58 -2.96
N GLU A 81 3.00 16.05 -1.91
CA GLU A 81 4.37 15.63 -1.71
C GLU A 81 4.44 14.11 -1.47
N SER A 82 3.44 13.55 -0.80
N SER A 82 3.46 13.55 -0.76
CA SER A 82 3.46 12.13 -0.49
CA SER A 82 3.46 12.11 -0.53
C SER A 82 2.97 11.26 -1.65
C SER A 82 3.11 11.32 -1.79
N ALA A 83 2.19 11.80 -2.58
CA ALA A 83 1.52 11.02 -3.62
C ALA A 83 2.04 11.26 -5.05
N TRP A 84 2.82 12.31 -5.31
CA TRP A 84 3.00 12.71 -6.73
C TRP A 84 3.64 11.58 -7.54
N LEU A 85 4.60 10.84 -6.97
CA LEU A 85 5.25 9.83 -7.83
C LEU A 85 4.36 8.65 -8.02
N GLU A 86 3.65 8.22 -6.96
CA GLU A 86 2.60 7.20 -7.16
C GLU A 86 1.60 7.55 -8.27
N ILE A 87 1.15 8.79 -8.31
CA ILE A 87 0.19 9.25 -9.31
C ILE A 87 0.80 9.24 -10.70
N LEU A 88 2.06 9.64 -10.82
CA LEU A 88 2.70 9.56 -12.17
C LEU A 88 2.76 8.09 -12.59
N MET A 89 3.21 7.25 -11.66
CA MET A 89 3.36 5.81 -11.99
C MET A 89 2.01 5.17 -12.33
N ILE A 90 0.98 5.48 -11.58
CA ILE A 90 -0.33 4.84 -11.93
C ILE A 90 -0.78 5.32 -13.32
N GLY A 91 -0.56 6.58 -13.67
CA GLY A 91 -0.93 7.05 -15.02
C GLY A 91 -0.15 6.29 -16.07
N LEU A 92 1.14 6.12 -15.83
CA LEU A 92 1.99 5.36 -16.76
C LEU A 92 1.48 3.94 -16.93
N VAL A 93 1.17 3.27 -15.81
CA VAL A 93 0.67 1.91 -15.91
C VAL A 93 -0.63 1.87 -16.71
N TRP A 94 -1.54 2.80 -16.42
CA TRP A 94 -2.79 2.90 -17.15
C TRP A 94 -2.56 3.15 -18.64
N ARG A 95 -1.65 4.07 -18.97
CA ARG A 95 -1.39 4.30 -20.41
C ARG A 95 -0.79 3.07 -21.09
N SER A 96 -0.10 2.21 -20.32
CA SER A 96 0.65 1.09 -20.91
C SER A 96 -0.17 -0.20 -20.94
N MET A 97 -1.33 -0.17 -20.26
CA MET A 97 -2.23 -1.34 -20.07
C MET A 97 -2.41 -2.16 -21.36
N GLU A 98 -2.66 -1.48 -22.48
CA GLU A 98 -2.93 -2.15 -23.73
C GLU A 98 -1.70 -2.41 -24.60
N HIS A 99 -0.50 -2.34 -24.02
CA HIS A 99 0.76 -2.48 -24.75
C HIS A 99 1.62 -3.45 -23.95
N PRO A 100 1.33 -4.74 -24.03
CA PRO A 100 2.05 -5.72 -23.20
C PRO A 100 3.56 -5.66 -23.40
N GLY A 101 4.27 -5.69 -22.26
CA GLY A 101 5.71 -5.65 -22.34
C GLY A 101 6.30 -4.27 -22.55
N LYS A 102 5.46 -3.23 -22.72
CA LYS A 102 5.95 -1.88 -23.00
C LYS A 102 5.45 -0.89 -21.98
N LEU A 103 6.18 0.22 -21.82
CA LEU A 103 5.73 1.33 -20.98
C LEU A 103 5.55 2.53 -21.90
N LEU A 104 4.34 3.06 -21.92
CA LEU A 104 3.96 4.16 -22.81
C LEU A 104 4.14 5.41 -21.98
N PHE A 105 5.38 5.88 -21.93
CA PHE A 105 5.61 7.13 -21.22
C PHE A 105 4.84 8.26 -21.91
N ALA A 106 4.85 8.27 -23.24
CA ALA A 106 4.09 9.19 -24.07
C ALA A 106 3.77 8.47 -25.35
N PRO A 107 2.80 8.95 -26.12
CA PRO A 107 2.48 8.26 -27.36
C PRO A 107 3.66 8.14 -28.28
N ASN A 108 4.59 9.10 -28.23
CA ASN A 108 5.80 9.06 -29.03
C ASN A 108 7.02 8.58 -28.22
N LEU A 109 6.81 7.92 -27.07
CA LEU A 109 7.94 7.48 -26.23
C LEU A 109 7.52 6.19 -25.53
N LEU A 110 7.61 5.10 -26.26
CA LEU A 110 7.17 3.80 -25.81
C LEU A 110 8.40 2.92 -25.67
N LEU A 111 8.70 2.48 -24.46
CA LEU A 111 9.99 1.82 -24.15
C LEU A 111 9.75 0.36 -23.79
N ASP A 112 10.70 -0.50 -24.13
CA ASP A 112 10.66 -1.86 -23.63
C ASP A 112 11.79 -2.04 -22.62
N ARG A 113 11.77 -3.18 -21.92
CA ARG A 113 12.65 -3.29 -20.76
C ARG A 113 14.13 -3.33 -21.11
N ASN A 114 14.51 -3.73 -22.34
CA ASN A 114 15.94 -3.68 -22.70
C ASN A 114 16.44 -2.26 -22.78
N GLN A 115 15.56 -1.34 -23.14
CA GLN A 115 15.93 0.07 -23.10
C GLN A 115 16.06 0.58 -21.66
N GLY A 116 15.36 -0.05 -20.72
CA GLY A 116 15.59 0.32 -19.33
C GLY A 116 16.90 -0.21 -18.77
N LYS A 117 17.63 -1.06 -19.51
CA LYS A 117 18.86 -1.62 -18.97
C LYS A 117 20.00 -0.60 -18.97
N SER A 118 19.76 0.59 -19.53
CA SER A 118 20.82 1.58 -19.69
C SER A 118 21.26 2.16 -18.35
N VAL A 119 20.32 2.44 -17.46
CA VAL A 119 20.62 3.07 -16.18
C VAL A 119 20.60 2.03 -15.07
N GLU A 120 21.60 2.10 -14.19
CA GLU A 120 21.65 1.20 -13.03
C GLU A 120 20.39 1.32 -12.17
N GLY A 121 19.77 0.18 -11.80
CA GLY A 121 18.57 0.20 -10.99
C GLY A 121 17.27 0.42 -11.74
N MET A 122 17.32 0.78 -13.02
CA MET A 122 16.07 1.13 -13.74
C MET A 122 15.21 -0.08 -14.10
N VAL A 123 15.83 -1.16 -14.57
CA VAL A 123 15.07 -2.36 -15.02
C VAL A 123 14.22 -2.95 -13.88
N GLU A 124 14.70 -2.93 -12.66
CA GLU A 124 13.95 -3.45 -11.50
C GLU A 124 12.59 -2.73 -11.44
N ILE A 125 12.61 -1.42 -11.51
CA ILE A 125 11.37 -0.59 -11.43
C ILE A 125 10.53 -0.80 -12.69
N PHE A 126 11.21 -0.86 -13.81
CA PHE A 126 10.53 -1.12 -15.10
C PHE A 126 9.72 -2.41 -15.00
N ASP A 127 10.32 -3.44 -14.42
CA ASP A 127 9.63 -4.75 -14.30
C ASP A 127 8.44 -4.64 -13.36
N MET A 128 8.55 -3.86 -12.30
CA MET A 128 7.42 -3.70 -11.36
C MET A 128 6.28 -2.97 -12.09
N LEU A 129 6.62 -1.95 -12.85
CA LEU A 129 5.60 -1.22 -13.63
C LEU A 129 4.91 -2.15 -14.63
N LEU A 130 5.69 -2.95 -15.34
CA LEU A 130 5.14 -3.92 -16.31
C LEU A 130 4.25 -4.95 -15.63
N ALA A 131 4.62 -5.39 -14.43
CA ALA A 131 3.76 -6.35 -13.70
C ALA A 131 2.44 -5.72 -13.28
N THR A 132 2.45 -4.44 -12.91
CA THR A 132 1.20 -3.78 -12.56
C THR A 132 0.31 -3.64 -13.78
N SER A 133 0.89 -3.24 -14.89
CA SER A 133 0.14 -3.11 -16.14
C SER A 133 -0.50 -4.45 -16.48
N SER A 134 0.29 -5.51 -16.35
CA SER A 134 -0.23 -6.86 -16.60
C SER A 134 -1.40 -7.20 -15.65
N ARG A 135 -1.28 -6.86 -14.38
CA ARG A 135 -2.37 -7.05 -13.42
C ARG A 135 -3.61 -6.25 -13.80
N PHE A 136 -3.46 -4.96 -14.16
CA PHE A 136 -4.61 -4.18 -14.64
C PHE A 136 -5.30 -4.89 -15.80
N ARG A 137 -4.48 -5.39 -16.72
CA ARG A 137 -5.01 -6.09 -17.88
C ARG A 137 -5.78 -7.31 -17.43
N MET A 138 -5.22 -8.07 -16.49
CA MET A 138 -5.88 -9.33 -16.10
C MET A 138 -7.18 -9.05 -15.39
N MET A 139 -7.26 -7.93 -14.70
CA MET A 139 -8.47 -7.54 -14.05
C MET A 139 -9.42 -6.81 -14.97
N ASN A 140 -8.96 -6.49 -16.19
CA ASN A 140 -9.77 -5.68 -17.11
C ASN A 140 -10.21 -4.39 -16.44
N LEU A 141 -9.25 -3.70 -15.85
CA LEU A 141 -9.53 -2.43 -15.13
C LEU A 141 -10.26 -1.43 -16.03
N GLN A 142 -11.34 -0.87 -15.53
CA GLN A 142 -12.13 0.12 -16.30
C GLN A 142 -11.66 1.55 -15.98
N GLY A 143 -11.86 2.47 -16.92
CA GLY A 143 -11.47 3.87 -16.70
C GLY A 143 -12.10 4.48 -15.46
N GLU A 144 -13.36 4.16 -15.19
CA GLU A 144 -14.06 4.74 -14.02
C GLU A 144 -13.43 4.24 -12.73
N GLU A 145 -13.00 2.99 -12.72
CA GLU A 145 -12.32 2.45 -11.53
C GLU A 145 -10.95 3.15 -11.41
N PHE A 146 -10.30 3.33 -12.54
CA PHE A 146 -8.96 3.95 -12.54
C PHE A 146 -8.99 5.32 -11.88
N VAL A 147 -9.93 6.15 -12.27
CA VAL A 147 -9.89 7.51 -11.73
C VAL A 147 -10.22 7.50 -10.24
N CYS A 148 -11.06 6.56 -9.79
CA CYS A 148 -11.28 6.40 -8.34
C CYS A 148 -9.99 6.01 -7.65
N LEU A 149 -9.26 5.03 -8.21
CA LEU A 149 -8.04 4.59 -7.56
C LEU A 149 -7.04 5.75 -7.51
N LYS A 150 -6.99 6.56 -8.55
CA LYS A 150 -6.00 7.65 -8.49
C LYS A 150 -6.38 8.66 -7.40
N SER A 151 -7.68 8.95 -7.24
N SER A 151 -7.69 8.95 -7.24
CA SER A 151 -8.10 9.85 -6.18
CA SER A 151 -8.09 9.87 -6.17
C SER A 151 -7.82 9.25 -4.81
C SER A 151 -7.88 9.26 -4.78
N ILE A 152 -7.97 7.93 -4.66
CA ILE A 152 -7.64 7.30 -3.39
C ILE A 152 -6.17 7.49 -3.08
N ILE A 153 -5.30 7.34 -4.07
CA ILE A 153 -3.87 7.54 -3.85
C ILE A 153 -3.59 8.94 -3.31
N LEU A 154 -4.21 9.92 -3.93
CA LEU A 154 -3.98 11.32 -3.53
C LEU A 154 -4.40 11.53 -2.07
N LEU A 155 -5.56 11.03 -1.71
CA LEU A 155 -6.10 11.31 -0.36
C LEU A 155 -5.47 10.43 0.72
N ASN A 156 -5.08 9.23 0.35
CA ASN A 156 -4.63 8.25 1.37
C ASN A 156 -3.13 8.28 1.62
N SER A 157 -2.36 8.66 0.63
CA SER A 157 -0.91 8.45 0.75
C SER A 157 -0.23 9.23 1.88
N GLY A 158 -0.68 10.45 2.12
CA GLY A 158 0.01 11.31 3.09
C GLY A 158 -0.78 11.47 4.36
N VAL A 159 -1.98 10.89 4.42
CA VAL A 159 -2.88 11.06 5.59
C VAL A 159 -2.30 10.43 6.86
N TYR A 160 -1.46 9.42 6.78
CA TYR A 160 -0.98 8.79 8.04
C TYR A 160 0.24 9.54 8.59
N THR A 161 0.76 10.53 7.87
CA THR A 161 1.98 11.27 8.24
C THR A 161 1.74 12.77 8.43
N PHE A 162 0.57 13.17 8.92
CA PHE A 162 0.33 14.60 9.17
C PHE A 162 1.07 15.08 10.41
N THR A 166 -3.57 21.22 15.88
CA THR A 166 -3.91 19.80 15.95
C THR A 166 -5.41 19.62 15.91
N LEU A 167 -6.17 20.51 16.55
CA LEU A 167 -7.63 20.45 16.35
C LEU A 167 -7.94 20.53 14.85
N LYS A 168 -7.28 21.44 14.13
CA LYS A 168 -7.46 21.49 12.67
C LYS A 168 -7.04 20.17 12.01
N SER A 169 -5.97 19.55 12.51
CA SER A 169 -5.53 18.31 11.89
C SER A 169 -6.55 17.20 12.07
N LEU A 170 -7.19 17.15 13.24
CA LEU A 170 -8.22 16.14 13.46
C LEU A 170 -9.39 16.36 12.52
N GLU A 171 -9.79 17.62 12.34
CA GLU A 171 -10.88 17.95 11.40
C GLU A 171 -10.53 17.57 9.96
N GLU A 172 -9.28 17.83 9.55
CA GLU A 172 -8.83 17.48 8.18
C GLU A 172 -8.84 15.96 7.97
N LYS A 173 -8.31 15.20 8.94
CA LYS A 173 -8.30 13.75 8.79
C LYS A 173 -9.69 13.18 8.76
N ASP A 174 -10.58 13.71 9.59
CA ASP A 174 -11.96 13.27 9.50
C ASP A 174 -12.55 13.55 8.13
N HIS A 175 -12.28 14.73 7.57
CA HIS A 175 -12.82 15.04 6.25
C HIS A 175 -12.26 14.11 5.19
N ILE A 176 -10.95 13.84 5.22
CA ILE A 176 -10.32 12.96 4.21
C ILE A 176 -10.95 11.57 4.30
N HIS A 177 -11.18 11.08 5.53
CA HIS A 177 -11.75 9.75 5.65
C HIS A 177 -13.18 9.70 5.13
N ARG A 178 -13.93 10.78 5.30
N ARG A 178 -13.92 10.78 5.30
CA ARG A 178 -15.29 10.84 4.75
CA ARG A 178 -15.28 10.85 4.76
C ARG A 178 -15.29 10.87 3.22
C ARG A 178 -15.27 10.85 3.22
N VAL A 179 -14.32 11.54 2.62
CA VAL A 179 -14.23 11.56 1.17
C VAL A 179 -13.77 10.19 0.64
N LEU A 180 -12.80 9.56 1.34
CA LEU A 180 -12.41 8.19 0.98
C LEU A 180 -13.59 7.24 1.08
N ASP A 181 -14.44 7.38 2.10
CA ASP A 181 -15.63 6.55 2.19
C ASP A 181 -16.55 6.76 0.98
N LYS A 182 -16.73 8.03 0.56
CA LYS A 182 -17.52 8.29 -0.64
C LYS A 182 -16.93 7.61 -1.87
N ILE A 183 -15.61 7.61 -1.99
CA ILE A 183 -15.02 6.98 -3.18
C ILE A 183 -15.20 5.47 -3.09
N THR A 184 -15.09 4.90 -1.89
CA THR A 184 -15.44 3.47 -1.76
C THR A 184 -16.84 3.20 -2.26
N ASP A 185 -17.84 3.98 -1.79
CA ASP A 185 -19.21 3.76 -2.22
C ASP A 185 -19.30 3.88 -3.73
N THR A 186 -18.55 4.83 -4.31
CA THR A 186 -18.57 5.02 -5.75
C THR A 186 -18.03 3.78 -6.47
N LEU A 187 -16.91 3.23 -5.97
CA LEU A 187 -16.34 2.02 -6.57
C LEU A 187 -17.33 0.88 -6.54
N ILE A 188 -18.00 0.73 -5.41
CA ILE A 188 -18.97 -0.35 -5.27
C ILE A 188 -20.12 -0.15 -6.24
N HIS A 189 -20.60 1.07 -6.35
CA HIS A 189 -21.70 1.39 -7.24
C HIS A 189 -21.34 1.07 -8.70
N LEU A 190 -20.12 1.42 -9.11
CA LEU A 190 -19.65 1.06 -10.43
C LEU A 190 -19.70 -0.45 -10.67
N MET A 191 -19.23 -1.24 -9.71
CA MET A 191 -19.29 -2.68 -9.84
C MET A 191 -20.72 -3.22 -9.77
N ALA A 192 -21.60 -2.62 -8.98
CA ALA A 192 -22.96 -3.14 -8.92
C ALA A 192 -23.71 -2.82 -10.20
N LYS A 193 -23.61 -1.56 -10.66
CA LYS A 193 -24.29 -1.13 -11.87
C LYS A 193 -23.85 -1.97 -13.07
N ALA A 194 -22.63 -2.53 -13.03
CA ALA A 194 -22.13 -3.49 -14.01
C ALA A 194 -22.57 -4.93 -13.74
N GLY A 195 -23.31 -5.18 -12.66
CA GLY A 195 -23.94 -6.48 -12.49
C GLY A 195 -23.11 -7.51 -11.76
N LEU A 196 -21.99 -7.15 -11.15
CA LEU A 196 -21.28 -8.09 -10.30
C LEU A 196 -22.15 -8.40 -9.08
N THR A 197 -22.00 -9.59 -8.54
CA THR A 197 -22.72 -9.91 -7.30
C THR A 197 -22.06 -9.20 -6.10
N LEU A 198 -22.75 -9.19 -4.96
CA LEU A 198 -22.17 -8.57 -3.75
C LEU A 198 -20.81 -9.24 -3.44
N GLN A 199 -20.73 -10.56 -3.47
CA GLN A 199 -19.45 -11.28 -3.24
C GLN A 199 -18.38 -10.77 -4.21
N GLN A 200 -18.71 -10.71 -5.49
CA GLN A 200 -17.76 -10.26 -6.53
C GLN A 200 -17.38 -8.79 -6.31
N GLN A 201 -18.33 -7.98 -5.88
CA GLN A 201 -18.07 -6.55 -5.59
C GLN A 201 -17.02 -6.44 -4.46
N HIS A 202 -17.24 -7.11 -3.35
CA HIS A 202 -16.29 -7.00 -2.24
C HIS A 202 -14.93 -7.53 -2.65
N GLN A 203 -14.90 -8.62 -3.43
CA GLN A 203 -13.64 -9.24 -3.83
C GLN A 203 -12.87 -8.35 -4.77
N ARG A 204 -13.57 -7.70 -5.71
CA ARG A 204 -12.94 -6.80 -6.64
C ARG A 204 -12.44 -5.53 -5.93
N LEU A 205 -13.25 -4.98 -5.06
CA LEU A 205 -12.81 -3.84 -4.26
C LEU A 205 -11.48 -4.16 -3.56
N ALA A 206 -11.41 -5.31 -2.93
CA ALA A 206 -10.20 -5.70 -2.22
C ALA A 206 -9.02 -5.86 -3.16
N GLN A 207 -9.28 -6.43 -4.34
CA GLN A 207 -8.19 -6.66 -5.29
C GLN A 207 -7.63 -5.34 -5.80
N LEU A 208 -8.51 -4.39 -6.05
CA LEU A 208 -8.08 -3.05 -6.46
C LEU A 208 -7.29 -2.37 -5.36
N LEU A 209 -7.80 -2.39 -4.13
CA LEU A 209 -7.10 -1.65 -3.09
C LEU A 209 -5.75 -2.29 -2.75
N LEU A 210 -5.62 -3.62 -2.93
CA LEU A 210 -4.37 -4.29 -2.60
C LEU A 210 -3.30 -3.92 -3.62
N ILE A 211 -3.70 -3.57 -4.81
CA ILE A 211 -2.75 -3.09 -5.80
C ILE A 211 -2.15 -1.78 -5.36
N LEU A 212 -2.90 -0.96 -4.58
CA LEU A 212 -2.33 0.29 -4.08
C LEU A 212 -1.12 0.07 -3.17
N SER A 213 -1.06 -1.04 -2.43
CA SER A 213 0.17 -1.35 -1.71
C SER A 213 1.36 -1.54 -2.62
N HIS A 214 1.17 -2.22 -3.76
CA HIS A 214 2.29 -2.41 -4.68
C HIS A 214 2.71 -1.07 -5.28
N ILE A 215 1.75 -0.23 -5.58
CA ILE A 215 2.08 1.08 -6.16
C ILE A 215 2.86 1.91 -5.14
N ARG A 216 2.50 1.77 -3.87
CA ARG A 216 3.23 2.48 -2.78
C ARG A 216 4.68 1.94 -2.75
N HIS A 217 4.83 0.63 -2.94
CA HIS A 217 6.16 -0.04 -2.96
C HIS A 217 6.99 0.50 -4.14
N MET A 218 6.38 0.51 -5.30
CA MET A 218 7.08 1.04 -6.51
C MET A 218 7.48 2.50 -6.28
N SER A 219 6.62 3.30 -5.68
CA SER A 219 6.99 4.71 -5.52
C SER A 219 8.21 4.84 -4.60
N ASN A 220 8.27 4.03 -3.55
CA ASN A 220 9.44 4.06 -2.64
C ASN A 220 10.71 3.65 -3.39
N LYS A 221 10.66 2.57 -4.14
CA LYS A 221 11.85 2.15 -4.90
C LYS A 221 12.22 3.24 -5.91
N GLY A 222 11.20 3.86 -6.50
CA GLY A 222 11.43 4.89 -7.50
C GLY A 222 12.10 6.09 -6.91
N MET A 223 11.68 6.49 -5.71
CA MET A 223 12.28 7.64 -5.03
C MET A 223 13.74 7.33 -4.75
N GLU A 224 14.02 6.11 -4.30
CA GLU A 224 15.43 5.70 -4.08
C GLU A 224 16.19 5.84 -5.38
N HIS A 225 15.62 5.35 -6.48
CA HIS A 225 16.28 5.44 -7.80
C HIS A 225 16.55 6.89 -8.15
N LEU A 226 15.58 7.77 -7.93
CA LEU A 226 15.73 9.17 -8.31
C LEU A 226 16.86 9.81 -7.52
N TYR A 227 16.96 9.50 -6.23
CA TYR A 227 18.06 10.04 -5.43
C TYR A 227 19.39 9.41 -5.83
N SER A 228 19.39 8.16 -6.31
CA SER A 228 20.69 7.59 -6.69
C SER A 228 21.28 8.30 -7.91
N MET A 229 20.44 8.95 -8.70
CA MET A 229 20.91 9.76 -9.84
C MET A 229 21.26 11.17 -9.36
N LYS A 230 20.28 11.83 -8.74
CA LYS A 230 20.39 13.23 -8.26
C LYS A 230 20.97 14.20 -9.29
N ASN A 233 17.15 19.15 -7.33
CA ASN A 233 15.87 19.05 -8.04
C ASN A 233 15.49 17.61 -8.20
N VAL A 234 15.46 16.88 -7.10
CA VAL A 234 15.06 15.49 -7.20
C VAL A 234 13.57 15.35 -7.03
N VAL A 235 13.00 16.10 -6.10
CA VAL A 235 11.56 16.10 -5.88
C VAL A 235 11.05 17.53 -6.08
N PRO A 236 9.75 17.70 -6.31
CA PRO A 236 9.17 19.04 -6.28
C PRO A 236 9.29 19.59 -4.88
N SER A 237 9.87 20.77 -4.74
CA SER A 237 10.00 21.33 -3.41
C SER A 237 8.63 21.68 -2.81
N TYR A 238 8.61 21.78 -1.48
CA TYR A 238 7.45 22.31 -0.76
C TYR A 238 6.97 23.62 -1.37
N ASP A 239 7.88 24.54 -1.62
CA ASP A 239 7.45 25.86 -2.05
C ASP A 239 6.99 25.83 -3.48
N LEU A 240 7.59 24.97 -4.29
CA LEU A 240 7.15 24.84 -5.66
C LEU A 240 5.71 24.32 -5.66
N LEU A 241 5.48 23.24 -4.93
CA LEU A 241 4.12 22.71 -4.86
C LEU A 241 3.17 23.75 -4.28
N LEU A 242 3.59 24.42 -3.20
CA LEU A 242 2.77 25.49 -2.64
C LEU A 242 2.50 26.57 -3.68
N GLU A 243 3.57 27.02 -4.37
CA GLU A 243 3.38 28.02 -5.40
C GLU A 243 2.37 27.55 -6.44
N MET A 244 2.45 26.28 -6.90
CA MET A 244 1.51 25.92 -7.95
C MET A 244 0.11 25.72 -7.37
N LEU A 245 0.02 25.18 -6.15
CA LEU A 245 -1.27 25.00 -5.53
C LEU A 245 -1.84 26.35 -5.12
N ASP A 246 -0.97 27.25 -4.60
CA ASP A 246 -1.36 28.51 -3.93
C ASP A 246 -1.63 29.55 -4.99
N ALA A 247 -2.77 29.42 -5.63
CA ALA A 247 -3.03 30.34 -6.71
C ALA A 247 -3.62 31.65 -6.19
N HIS A 248 -3.43 32.72 -6.97
CA HIS A 248 -4.20 33.94 -6.77
C HIS A 248 -5.52 33.87 -7.56
N ARG A 249 -6.29 34.96 -7.50
CA ARG A 249 -7.51 35.11 -8.27
C ARG A 249 -7.48 36.33 -9.18
N LEU B 9 -9.34 -23.87 0.87
CA LEU B 9 -10.17 -23.21 -0.14
C LEU B 9 -11.65 -23.64 -0.01
N SER B 10 -11.87 -24.76 0.67
CA SER B 10 -13.21 -25.22 1.01
C SER B 10 -13.68 -24.78 2.40
N LEU B 11 -12.82 -24.12 3.17
CA LEU B 11 -13.16 -23.68 4.51
C LEU B 11 -14.25 -22.61 4.49
N THR B 12 -15.18 -22.69 5.43
CA THR B 12 -16.14 -21.64 5.65
C THR B 12 -15.45 -20.44 6.29
N ALA B 13 -16.14 -19.29 6.35
CA ALA B 13 -15.50 -18.09 6.91
C ALA B 13 -15.26 -18.29 8.38
N ASP B 14 -16.22 -18.92 9.06
CA ASP B 14 -16.02 -19.26 10.46
C ASP B 14 -14.79 -20.16 10.64
N GLN B 15 -14.61 -21.16 9.77
CA GLN B 15 -13.44 -22.03 9.95
C GLN B 15 -12.13 -21.31 9.62
N MET B 16 -12.16 -20.40 8.65
CA MET B 16 -10.97 -19.60 8.36
C MET B 16 -10.54 -18.74 9.55
N VAL B 17 -11.50 -18.05 10.19
CA VAL B 17 -11.19 -17.27 11.38
C VAL B 17 -10.59 -18.15 12.47
N SER B 18 -11.22 -19.30 12.75
CA SER B 18 -10.73 -20.18 13.80
C SER B 18 -9.32 -20.64 13.50
N ALA B 19 -9.04 -21.03 12.24
CA ALA B 19 -7.68 -21.43 11.87
C ALA B 19 -6.67 -20.31 12.14
N LEU B 20 -7.00 -19.11 11.71
CA LEU B 20 -6.06 -17.99 11.90
C LEU B 20 -5.88 -17.67 13.38
N LEU B 21 -6.96 -17.65 14.14
CA LEU B 21 -6.87 -17.33 15.58
C LEU B 21 -5.99 -18.37 16.26
N ASP B 22 -6.17 -19.64 15.93
CA ASP B 22 -5.38 -20.74 16.53
C ASP B 22 -3.92 -20.67 16.10
N ALA B 23 -3.63 -20.11 14.93
CA ALA B 23 -2.24 -20.05 14.43
C ALA B 23 -1.45 -18.89 15.04
N GLU B 24 -2.06 -18.06 15.86
CA GLU B 24 -1.38 -16.83 16.30
C GLU B 24 -0.09 -17.17 17.05
N PRO B 25 1.01 -16.50 16.78
CA PRO B 25 2.24 -16.82 17.44
C PRO B 25 2.25 -16.24 18.85
N PRO B 26 3.21 -16.63 19.67
CA PRO B 26 3.24 -16.10 21.05
C PRO B 26 3.88 -14.72 21.07
N ILE B 27 3.65 -14.03 22.18
CA ILE B 27 4.36 -12.79 22.46
C ILE B 27 5.68 -13.12 23.14
N LEU B 28 6.79 -12.64 22.58
CA LEU B 28 8.10 -12.94 23.16
C LEU B 28 8.56 -11.77 24.03
N TYR B 29 9.55 -12.05 24.87
CA TYR B 29 10.12 -11.03 25.74
C TYR B 29 11.43 -10.59 25.15
N SER B 30 11.82 -9.36 25.46
CA SER B 30 13.18 -8.92 25.21
C SER B 30 14.17 -9.69 26.10
N GLU B 31 15.42 -9.88 25.63
CA GLU B 31 16.44 -10.59 26.40
C GLU B 31 17.29 -9.63 27.24
N SER B 39 20.69 2.20 27.45
CA SER B 39 21.43 3.00 26.47
C SER B 39 20.96 2.74 25.03
N GLU B 40 21.36 3.58 24.08
CA GLU B 40 20.92 3.34 22.70
C GLU B 40 21.52 2.07 22.14
N ALA B 41 22.81 1.84 22.33
CA ALA B 41 23.42 0.65 21.73
C ALA B 41 22.73 -0.61 22.20
N SER B 42 22.54 -0.72 23.51
CA SER B 42 21.89 -1.92 23.99
C SER B 42 20.46 -1.99 23.47
N MET B 43 19.82 -0.83 23.29
CA MET B 43 18.45 -0.83 22.74
C MET B 43 18.40 -1.48 21.36
N MET B 44 19.31 -1.09 20.45
CA MET B 44 19.22 -1.66 19.10
C MET B 44 19.54 -3.15 19.08
N GLY B 45 20.50 -3.55 19.91
CA GLY B 45 20.80 -4.96 20.04
C GLY B 45 19.61 -5.75 20.54
N LEU B 46 18.95 -5.23 21.60
CA LEU B 46 17.73 -5.88 22.08
C LEU B 46 16.69 -6.01 20.98
N LEU B 47 16.42 -4.94 20.24
CA LEU B 47 15.36 -5.01 19.24
C LEU B 47 15.71 -6.03 18.13
N THR B 48 16.96 -6.02 17.68
CA THR B 48 17.41 -6.94 16.63
C THR B 48 17.24 -8.38 17.07
N ASN B 49 17.68 -8.68 18.31
CA ASN B 49 17.57 -10.02 18.85
C ASN B 49 16.10 -10.47 18.95
N LEU B 50 15.23 -9.60 19.45
CA LEU B 50 13.79 -9.90 19.53
C LEU B 50 13.21 -10.23 18.14
N ALA B 51 13.49 -9.37 17.14
CA ALA B 51 12.97 -9.60 15.80
C ALA B 51 13.48 -10.94 15.27
N ASP B 52 14.76 -11.24 15.54
CA ASP B 52 15.29 -12.51 15.04
C ASP B 52 14.53 -13.69 15.65
N ARG B 53 14.22 -13.61 16.95
CA ARG B 53 13.47 -14.73 17.57
C ARG B 53 12.04 -14.77 17.08
N GLU B 54 11.43 -13.61 16.85
CA GLU B 54 10.06 -13.59 16.34
C GLU B 54 9.97 -14.26 14.97
N LEU B 55 11.02 -14.16 14.17
CA LEU B 55 10.93 -14.65 12.77
C LEU B 55 10.60 -16.14 12.73
N VAL B 56 11.21 -16.87 13.64
CA VAL B 56 10.98 -18.33 13.69
C VAL B 56 9.49 -18.59 13.93
N HIS B 57 8.93 -17.89 14.90
CA HIS B 57 7.50 -18.09 15.18
C HIS B 57 6.66 -17.65 13.99
N MET B 58 7.09 -16.60 13.32
CA MET B 58 6.37 -16.10 12.13
C MET B 58 6.29 -17.21 11.08
N ILE B 59 7.39 -17.91 10.84
CA ILE B 59 7.39 -19.01 9.83
C ILE B 59 6.36 -20.07 10.23
N ASN B 60 6.34 -20.43 11.50
CA ASN B 60 5.37 -21.43 11.99
C ASN B 60 3.95 -20.94 11.77
N TRP B 61 3.74 -19.67 12.04
CA TRP B 61 2.43 -19.10 11.84
C TRP B 61 2.07 -19.19 10.35
N ALA B 62 3.01 -18.82 9.50
CA ALA B 62 2.68 -18.78 8.07
C ALA B 62 2.28 -20.16 7.59
N LYS B 63 2.99 -21.20 8.04
CA LYS B 63 2.57 -22.53 7.63
C LYS B 63 1.15 -22.93 8.03
N ARG B 64 0.52 -22.23 8.98
CA ARG B 64 -0.87 -22.51 9.39
C ARG B 64 -1.91 -21.59 8.74
N VAL B 65 -1.50 -20.68 7.86
CA VAL B 65 -2.44 -19.79 7.17
C VAL B 65 -3.02 -20.64 6.07
N PRO B 66 -4.32 -20.87 6.04
CA PRO B 66 -4.86 -21.84 5.07
C PRO B 66 -4.50 -21.46 3.65
N GLY B 67 -4.01 -22.44 2.89
CA GLY B 67 -3.57 -22.21 1.55
C GLY B 67 -2.07 -22.00 1.39
N PHE B 68 -1.37 -21.54 2.44
CA PHE B 68 0.03 -21.17 2.26
C PHE B 68 0.87 -22.36 1.83
N VAL B 69 0.72 -23.50 2.51
CA VAL B 69 1.62 -24.62 2.19
C VAL B 69 1.23 -25.38 0.93
N ASP B 70 0.13 -24.99 0.26
CA ASP B 70 -0.11 -25.53 -1.09
C ASP B 70 0.81 -24.92 -2.16
N LEU B 71 1.46 -23.80 -1.84
CA LEU B 71 2.47 -23.20 -2.72
C LEU B 71 3.77 -24.01 -2.70
N THR B 72 4.54 -23.89 -3.79
CA THR B 72 5.88 -24.47 -3.74
C THR B 72 6.70 -23.86 -2.61
N LEU B 73 7.73 -24.60 -2.19
CA LEU B 73 8.57 -24.10 -1.12
C LEU B 73 9.27 -22.84 -1.59
N HIS B 74 9.67 -22.81 -2.86
CA HIS B 74 10.32 -21.64 -3.44
C HIS B 74 9.41 -20.41 -3.32
N ASP B 75 8.13 -20.58 -3.63
CA ASP B 75 7.24 -19.44 -3.55
C ASP B 75 6.91 -19.07 -2.10
N GLN B 76 6.85 -20.05 -1.20
CA GLN B 76 6.64 -19.70 0.22
C GLN B 76 7.78 -18.83 0.71
N VAL B 77 9.01 -19.19 0.34
CA VAL B 77 10.17 -18.42 0.76
C VAL B 77 10.08 -17.00 0.20
N HIS B 78 9.77 -16.85 -1.10
CA HIS B 78 9.61 -15.51 -1.67
C HIS B 78 8.56 -14.69 -0.90
N LEU B 79 7.41 -15.30 -0.58
CA LEU B 79 6.38 -14.56 0.13
C LEU B 79 6.86 -14.08 1.49
N LEU B 80 7.60 -14.95 2.22
CA LEU B 80 8.16 -14.60 3.52
C LEU B 80 9.21 -13.52 3.39
N GLU B 81 10.07 -13.61 2.36
CA GLU B 81 11.09 -12.59 2.12
C GLU B 81 10.44 -11.23 1.96
N SER B 82 9.31 -11.18 1.29
N SER B 82 9.35 -11.15 1.20
CA SER B 82 8.69 -9.91 0.95
CA SER B 82 8.71 -9.87 0.96
C SER B 82 7.81 -9.39 2.08
C SER B 82 7.93 -9.36 2.16
N ALA B 83 7.38 -10.26 2.98
CA ALA B 83 6.37 -9.88 3.97
C ALA B 83 6.89 -9.74 5.40
N TRP B 84 8.07 -10.29 5.75
CA TRP B 84 8.36 -10.52 7.18
C TRP B 84 8.43 -9.19 7.94
N LEU B 85 8.95 -8.13 7.32
CA LEU B 85 9.07 -6.89 8.09
C LEU B 85 7.71 -6.25 8.32
N GLU B 86 6.86 -6.23 7.27
CA GLU B 86 5.48 -5.80 7.45
C GLU B 86 4.77 -6.57 8.55
N ILE B 87 4.91 -7.89 8.53
CA ILE B 87 4.28 -8.71 9.59
C ILE B 87 4.82 -8.39 10.99
N LEU B 88 6.13 -8.23 11.14
CA LEU B 88 6.66 -7.76 12.45
C LEU B 88 6.05 -6.42 12.85
N MET B 89 5.91 -5.47 11.89
CA MET B 89 5.40 -4.16 12.27
C MET B 89 3.91 -4.20 12.61
N ILE B 90 3.10 -4.95 11.84
CA ILE B 90 1.67 -4.93 12.15
C ILE B 90 1.45 -5.61 13.53
N GLY B 91 2.23 -6.61 13.86
CA GLY B 91 2.12 -7.22 15.17
C GLY B 91 2.52 -6.24 16.27
N LEU B 92 3.56 -5.43 16.02
CA LEU B 92 3.93 -4.41 16.99
C LEU B 92 2.81 -3.38 17.16
N VAL B 93 2.24 -2.93 16.04
CA VAL B 93 1.17 -1.96 16.08
C VAL B 93 0.02 -2.52 16.88
N TRP B 94 -0.34 -3.79 16.66
CA TRP B 94 -1.45 -4.43 17.38
C TRP B 94 -1.18 -4.46 18.89
N ARG B 95 0.02 -4.89 19.27
CA ARG B 95 0.39 -4.98 20.68
C ARG B 95 0.33 -3.62 21.35
N SER B 96 0.62 -2.54 20.59
CA SER B 96 0.70 -1.20 21.14
C SER B 96 -0.63 -0.44 21.17
N MET B 97 -1.71 -0.99 20.63
CA MET B 97 -2.97 -0.25 20.55
C MET B 97 -3.43 0.38 21.86
N GLU B 98 -3.41 -0.38 22.92
CA GLU B 98 -3.86 0.05 24.23
C GLU B 98 -2.82 0.88 24.97
N HIS B 99 -1.76 1.35 24.31
CA HIS B 99 -0.65 2.04 24.98
C HIS B 99 -0.34 3.31 24.19
N PRO B 100 -1.23 4.30 24.24
CA PRO B 100 -1.08 5.53 23.44
C PRO B 100 0.28 6.18 23.63
N GLY B 101 0.89 6.58 22.51
CA GLY B 101 2.19 7.20 22.55
C GLY B 101 3.37 6.28 22.83
N LYS B 102 3.14 4.99 23.05
CA LYS B 102 4.27 4.09 23.24
C LYS B 102 4.19 2.90 22.29
N LEU B 103 5.32 2.25 22.09
CA LEU B 103 5.39 1.04 21.28
C LEU B 103 5.77 -0.11 22.21
N LEU B 104 4.93 -1.15 22.21
CA LEU B 104 5.17 -2.32 23.08
C LEU B 104 5.95 -3.35 22.28
N PHE B 105 7.26 -3.16 22.18
CA PHE B 105 8.06 -4.18 21.48
C PHE B 105 7.93 -5.53 22.17
N ALA B 106 7.94 -5.55 23.50
CA ALA B 106 7.74 -6.76 24.28
C ALA B 106 7.17 -6.34 25.63
N PRO B 107 6.58 -7.27 26.39
CA PRO B 107 5.97 -6.84 27.68
C PRO B 107 6.98 -6.18 28.62
N ASN B 108 8.27 -6.49 28.48
CA ASN B 108 9.30 -5.83 29.27
C ASN B 108 10.07 -4.79 28.46
N LEU B 109 9.50 -4.31 27.33
CA LEU B 109 10.26 -3.39 26.52
C LEU B 109 9.26 -2.44 25.86
N LEU B 110 8.76 -1.53 26.65
CA LEU B 110 7.79 -0.54 26.19
C LEU B 110 8.54 0.77 26.07
N LEU B 111 8.62 1.34 24.86
CA LEU B 111 9.40 2.54 24.59
C LEU B 111 8.48 3.68 24.15
N ASP B 112 8.81 4.92 24.54
CA ASP B 112 8.13 6.04 23.93
C ASP B 112 9.02 6.75 22.90
N ARG B 113 8.46 7.79 22.31
CA ARG B 113 9.06 8.50 21.19
C ARG B 113 10.44 9.07 21.55
N ASN B 114 10.57 9.56 22.79
CA ASN B 114 11.83 10.14 23.26
C ASN B 114 12.97 9.15 23.23
N GLN B 115 12.67 7.87 23.43
CA GLN B 115 13.74 6.84 23.37
C GLN B 115 14.17 6.65 21.91
N GLY B 116 13.29 6.99 20.97
CA GLY B 116 13.64 6.86 19.55
C GLY B 116 14.57 7.97 19.12
N LYS B 117 14.51 9.13 19.78
CA LYS B 117 15.37 10.26 19.33
C LYS B 117 16.83 9.88 19.54
N GLY B 121 17.03 8.54 12.24
CA GLY B 121 15.92 8.32 11.30
C GLY B 121 14.97 7.34 11.98
N MET B 122 15.29 7.08 13.25
CA MET B 122 14.43 6.26 14.08
C MET B 122 13.09 6.94 14.38
N VAL B 123 13.10 8.24 14.68
CA VAL B 123 11.87 8.79 15.24
C VAL B 123 10.80 8.91 14.17
N GLU B 124 11.19 9.10 12.90
CA GLU B 124 10.19 9.13 11.82
C GLU B 124 9.43 7.81 11.72
N ILE B 125 10.14 6.67 11.78
CA ILE B 125 9.42 5.40 11.70
C ILE B 125 8.64 5.15 12.98
N PHE B 126 9.24 5.53 14.12
CA PHE B 126 8.53 5.39 15.40
C PHE B 126 7.20 6.13 15.36
N ASP B 127 7.20 7.33 14.78
CA ASP B 127 5.98 8.13 14.69
C ASP B 127 4.96 7.51 13.74
N MET B 128 5.39 6.97 12.61
CA MET B 128 4.47 6.28 11.72
C MET B 128 3.82 5.08 12.41
N LEU B 129 4.60 4.33 13.15
CA LEU B 129 4.04 3.19 13.87
C LEU B 129 3.03 3.63 14.93
N LEU B 130 3.37 4.68 15.70
CA LEU B 130 2.42 5.21 16.68
C LEU B 130 1.12 5.66 16.02
N ALA B 131 1.22 6.32 14.88
CA ALA B 131 0.03 6.78 14.14
C ALA B 131 -0.81 5.60 13.61
N THR B 132 -0.17 4.49 13.19
CA THR B 132 -0.93 3.32 12.80
C THR B 132 -1.65 2.72 13.99
N SER B 133 -0.99 2.67 15.16
CA SER B 133 -1.63 2.12 16.32
C SER B 133 -2.82 3.01 16.73
N SER B 134 -2.66 4.32 16.63
N SER B 134 -2.67 4.31 16.62
CA SER B 134 -3.73 5.28 16.84
CA SER B 134 -3.77 5.23 16.87
C SER B 134 -4.91 5.02 15.89
C SER B 134 -4.93 5.02 15.89
N ARG B 135 -4.63 4.72 14.62
CA ARG B 135 -5.71 4.49 13.67
C ARG B 135 -6.48 3.20 14.00
N PHE B 136 -5.73 2.13 14.33
CA PHE B 136 -6.32 0.89 14.81
C PHE B 136 -7.23 1.14 15.98
N ARG B 137 -6.76 1.97 16.93
CA ARG B 137 -7.49 2.20 18.17
C ARG B 137 -8.78 2.96 17.87
N MET B 138 -8.72 3.95 16.97
CA MET B 138 -9.94 4.66 16.59
C MET B 138 -10.92 3.83 15.77
N MET B 139 -10.45 2.90 14.94
CA MET B 139 -11.38 2.04 14.24
C MET B 139 -11.87 0.89 15.11
N ASN B 140 -11.33 0.76 16.32
CA ASN B 140 -11.66 -0.36 17.19
C ASN B 140 -11.44 -1.70 16.50
N LEU B 141 -10.29 -1.80 15.83
CA LEU B 141 -9.88 -3.05 15.20
C LEU B 141 -10.02 -4.24 16.17
N GLN B 142 -10.69 -5.28 15.71
CA GLN B 142 -10.93 -6.52 16.47
C GLN B 142 -9.83 -7.56 16.15
N GLY B 143 -9.62 -8.51 17.05
CA GLY B 143 -8.59 -9.55 16.86
C GLY B 143 -8.84 -10.36 15.62
N GLU B 144 -10.09 -10.72 15.39
CA GLU B 144 -10.49 -11.48 14.19
C GLU B 144 -10.11 -10.72 12.91
N GLU B 145 -10.27 -9.39 12.92
CA GLU B 145 -9.94 -8.55 11.76
C GLU B 145 -8.43 -8.47 11.60
N PHE B 146 -7.70 -8.35 12.72
CA PHE B 146 -6.25 -8.30 12.70
C PHE B 146 -5.64 -9.56 12.08
N VAL B 147 -6.11 -10.75 12.47
CA VAL B 147 -5.44 -11.95 11.94
C VAL B 147 -5.72 -12.12 10.45
N CYS B 148 -6.87 -11.65 9.97
CA CYS B 148 -7.11 -11.63 8.52
C CYS B 148 -6.15 -10.66 7.81
N LEU B 149 -6.00 -9.45 8.37
CA LEU B 149 -5.06 -8.45 7.80
C LEU B 149 -3.64 -9.00 7.71
N LYS B 150 -3.20 -9.68 8.76
CA LYS B 150 -1.85 -10.23 8.76
C LYS B 150 -1.69 -11.30 7.67
N SER B 151 -2.69 -12.16 7.49
N SER B 151 -2.71 -12.15 7.47
CA SER B 151 -2.61 -13.15 6.41
CA SER B 151 -2.65 -13.15 6.41
C SER B 151 -2.60 -12.48 5.04
C SER B 151 -2.68 -12.52 5.01
N ILE B 152 -3.37 -11.40 4.86
CA ILE B 152 -3.37 -10.69 3.58
C ILE B 152 -1.97 -10.14 3.29
N ILE B 153 -1.30 -9.59 4.30
CA ILE B 153 0.08 -9.09 4.08
C ILE B 153 0.99 -10.23 3.59
N LEU B 154 0.92 -11.38 4.25
CA LEU B 154 1.71 -12.53 3.85
C LEU B 154 1.44 -12.91 2.40
N LEU B 155 0.18 -13.02 2.04
CA LEU B 155 -0.09 -13.49 0.68
C LEU B 155 0.07 -12.40 -0.40
N ASN B 156 -0.22 -11.15 -0.09
CA ASN B 156 -0.23 -10.04 -1.08
C ASN B 156 1.17 -9.46 -1.31
N SER B 157 2.07 -9.50 -0.32
CA SER B 157 3.22 -8.60 -0.45
C SER B 157 4.19 -9.05 -1.52
N GLY B 158 4.32 -10.32 -1.74
CA GLY B 158 5.24 -10.68 -2.76
C GLY B 158 4.60 -11.14 -4.06
N VAL B 159 3.25 -11.15 -4.16
CA VAL B 159 2.60 -11.75 -5.35
C VAL B 159 2.93 -11.00 -6.63
N TYR B 160 3.13 -9.67 -6.56
CA TYR B 160 3.40 -8.89 -7.77
C TYR B 160 4.82 -9.06 -8.29
N THR B 161 5.72 -9.67 -7.50
CA THR B 161 7.16 -9.64 -7.81
C THR B 161 7.79 -11.04 -7.93
N PHE B 162 7.05 -12.07 -8.35
CA PHE B 162 7.73 -13.35 -8.58
C PHE B 162 8.66 -13.26 -9.79
N SER B 169 3.42 -21.37 -11.96
CA SER B 169 3.81 -20.06 -11.50
C SER B 169 2.66 -19.10 -11.63
N LEU B 170 2.12 -19.04 -12.83
CA LEU B 170 0.82 -18.42 -13.02
C LEU B 170 -0.27 -19.19 -12.24
N GLU B 171 -0.18 -20.54 -12.19
CA GLU B 171 -1.09 -21.31 -11.33
C GLU B 171 -0.91 -20.93 -9.86
N GLU B 172 0.33 -20.67 -9.46
CA GLU B 172 0.63 -20.27 -8.08
C GLU B 172 -0.03 -18.94 -7.75
N LYS B 173 0.08 -17.98 -8.68
CA LYS B 173 -0.54 -16.67 -8.47
C LYS B 173 -2.04 -16.80 -8.43
N ASP B 174 -2.62 -17.68 -9.26
N ASP B 174 -2.61 -17.68 -9.27
CA ASP B 174 -4.05 -17.91 -9.18
CA ASP B 174 -4.04 -17.94 -9.23
C ASP B 174 -4.44 -18.42 -7.81
C ASP B 174 -4.47 -18.46 -7.85
N HIS B 175 -3.71 -19.41 -7.30
CA HIS B 175 -4.04 -19.94 -5.99
C HIS B 175 -3.98 -18.86 -4.92
N ILE B 176 -2.91 -18.06 -4.90
CA ILE B 176 -2.79 -16.93 -3.98
C ILE B 176 -3.99 -15.99 -4.11
N HIS B 177 -4.37 -15.65 -5.33
CA HIS B 177 -5.56 -14.81 -5.49
C HIS B 177 -6.85 -15.46 -4.98
N ARG B 178 -7.01 -16.77 -5.13
CA ARG B 178 -8.19 -17.44 -4.58
C ARG B 178 -8.20 -17.37 -3.05
N VAL B 179 -7.04 -17.50 -2.43
CA VAL B 179 -6.96 -17.44 -0.97
C VAL B 179 -7.25 -16.04 -0.47
N LEU B 180 -6.71 -15.02 -1.14
CA LEU B 180 -7.01 -13.64 -0.81
C LEU B 180 -8.51 -13.35 -0.94
N ASP B 181 -9.14 -13.79 -2.03
CA ASP B 181 -10.59 -13.76 -2.16
C ASP B 181 -11.30 -14.41 -0.96
N LYS B 182 -10.80 -15.52 -0.45
CA LYS B 182 -11.46 -16.17 0.71
C LYS B 182 -11.31 -15.32 1.97
N ILE B 183 -10.15 -14.69 2.16
CA ILE B 183 -9.95 -13.82 3.31
C ILE B 183 -10.82 -12.56 3.24
N THR B 184 -10.99 -11.99 2.05
CA THR B 184 -11.94 -10.89 1.86
C THR B 184 -13.35 -11.33 2.28
N ASP B 185 -13.78 -12.50 1.81
CA ASP B 185 -15.13 -13.04 2.17
C ASP B 185 -15.23 -13.15 3.69
N THR B 186 -14.16 -13.64 4.34
CA THR B 186 -14.11 -13.82 5.80
C THR B 186 -14.18 -12.46 6.54
N LEU B 187 -13.43 -11.46 6.08
CA LEU B 187 -13.52 -10.13 6.68
C LEU B 187 -14.95 -9.59 6.61
N ILE B 188 -15.57 -9.70 5.42
CA ILE B 188 -16.93 -9.22 5.25
C ILE B 188 -17.86 -9.99 6.17
N HIS B 189 -17.63 -11.30 6.32
CA HIS B 189 -18.52 -12.08 7.19
C HIS B 189 -18.46 -11.57 8.63
N LEU B 190 -17.27 -11.30 9.12
CA LEU B 190 -17.07 -10.82 10.49
C LEU B 190 -17.80 -9.50 10.73
N MET B 191 -17.73 -8.59 9.75
CA MET B 191 -18.37 -7.28 9.82
C MET B 191 -19.87 -7.42 9.79
N ALA B 192 -20.40 -8.34 8.96
CA ALA B 192 -21.83 -8.59 8.95
C ALA B 192 -22.30 -9.15 10.30
N LYS B 193 -21.54 -10.08 10.86
CA LYS B 193 -21.92 -10.58 12.18
C LYS B 193 -21.90 -9.49 13.24
N ALA B 194 -20.98 -8.55 13.13
CA ALA B 194 -20.98 -7.48 14.12
C ALA B 194 -22.14 -6.51 13.92
N GLY B 195 -23.00 -6.70 12.92
CA GLY B 195 -24.15 -5.84 12.74
C GLY B 195 -23.95 -4.66 11.80
N LEU B 196 -22.81 -4.58 11.10
CA LEU B 196 -22.58 -3.49 10.15
C LEU B 196 -23.55 -3.59 8.97
N THR B 197 -24.08 -2.44 8.50
CA THR B 197 -24.81 -2.42 7.24
C THR B 197 -23.86 -2.82 6.11
N LEU B 198 -24.43 -3.14 4.93
CA LEU B 198 -23.61 -3.40 3.75
C LEU B 198 -22.74 -2.19 3.41
N GLN B 199 -23.31 -0.99 3.42
CA GLN B 199 -22.47 0.19 3.20
C GLN B 199 -21.30 0.24 4.20
N GLN B 200 -21.58 0.03 5.49
CA GLN B 200 -20.49 0.08 6.47
C GLN B 200 -19.51 -1.06 6.30
N GLN B 201 -19.93 -2.18 5.72
CA GLN B 201 -19.01 -3.30 5.54
C GLN B 201 -17.96 -2.95 4.48
N HIS B 202 -18.43 -2.40 3.33
CA HIS B 202 -17.55 -1.96 2.26
C HIS B 202 -16.61 -0.88 2.75
N GLN B 203 -17.15 0.10 3.47
CA GLN B 203 -16.31 1.21 3.88
C GLN B 203 -15.25 0.75 4.87
N ARG B 204 -15.58 -0.19 5.75
CA ARG B 204 -14.60 -0.68 6.71
C ARG B 204 -13.55 -1.55 6.06
N LEU B 205 -13.98 -2.42 5.12
CA LEU B 205 -13.05 -3.25 4.36
C LEU B 205 -12.01 -2.35 3.69
N ALA B 206 -12.50 -1.31 3.02
CA ALA B 206 -11.59 -0.41 2.33
C ALA B 206 -10.64 0.29 3.32
N GLN B 207 -11.16 0.80 4.43
CA GLN B 207 -10.33 1.50 5.41
C GLN B 207 -9.19 0.58 5.90
N LEU B 208 -9.51 -0.68 6.16
CA LEU B 208 -8.49 -1.64 6.63
C LEU B 208 -7.45 -1.93 5.54
N LEU B 209 -7.87 -2.12 4.31
CA LEU B 209 -6.89 -2.38 3.26
C LEU B 209 -6.06 -1.13 2.92
N LEU B 210 -6.60 0.07 3.12
CA LEU B 210 -5.79 1.26 2.86
C LEU B 210 -4.68 1.40 3.90
N ILE B 211 -4.93 0.92 5.11
CA ILE B 211 -3.87 0.95 6.12
C ILE B 211 -2.72 0.02 5.70
N LEU B 212 -3.01 -1.07 4.95
CA LEU B 212 -1.91 -1.92 4.50
C LEU B 212 -0.95 -1.21 3.58
N SER B 213 -1.41 -0.25 2.78
N SER B 213 -1.43 -0.27 2.77
CA SER B 213 -0.43 0.47 1.97
CA SER B 213 -0.50 0.54 1.99
C SER B 213 0.46 1.36 2.86
C SER B 213 0.45 1.34 2.88
N HIS B 214 -0.06 1.87 3.98
CA HIS B 214 0.81 2.59 4.92
C HIS B 214 1.78 1.63 5.60
N ILE B 215 1.35 0.41 5.94
CA ILE B 215 2.31 -0.57 6.51
C ILE B 215 3.40 -0.91 5.48
N ARG B 216 3.02 -1.10 4.20
CA ARG B 216 4.05 -1.28 3.18
C ARG B 216 5.04 -0.11 3.17
N HIS B 217 4.54 1.11 3.21
CA HIS B 217 5.46 2.27 3.20
C HIS B 217 6.41 2.21 4.40
N MET B 218 5.89 1.93 5.57
CA MET B 218 6.72 1.84 6.78
C MET B 218 7.79 0.77 6.62
N SER B 219 7.40 -0.41 6.12
CA SER B 219 8.38 -1.49 5.86
CA SER B 219 8.39 -1.47 5.90
C SER B 219 9.45 -1.03 4.89
N ASN B 220 9.06 -0.24 3.85
CA ASN B 220 10.05 0.27 2.91
C ASN B 220 11.00 1.22 3.65
N LYS B 221 10.42 2.13 4.44
CA LYS B 221 11.26 3.10 5.17
C LYS B 221 12.04 2.44 6.27
N GLY B 222 11.40 1.43 6.88
CA GLY B 222 12.06 0.57 7.86
C GLY B 222 13.26 -0.13 7.26
N MET B 223 13.11 -0.69 6.05
CA MET B 223 14.29 -1.30 5.40
C MET B 223 15.36 -0.25 5.12
N GLU B 224 14.94 0.97 4.72
CA GLU B 224 15.95 1.99 4.40
C GLU B 224 16.74 2.33 5.67
N HIS B 225 16.04 2.44 6.78
CA HIS B 225 16.66 2.68 8.10
C HIS B 225 17.65 1.55 8.43
N LEU B 226 17.23 0.31 8.27
CA LEU B 226 18.07 -0.85 8.67
C LEU B 226 19.34 -0.88 7.84
N TYR B 227 19.24 -0.61 6.54
CA TYR B 227 20.44 -0.57 5.68
C TYR B 227 21.30 0.69 5.94
N SER B 228 20.82 1.69 6.66
CA SER B 228 21.65 2.88 6.98
C SER B 228 22.43 2.64 8.28
N VAL B 234 21.01 -8.02 7.48
CA VAL B 234 19.88 -7.08 7.36
C VAL B 234 18.58 -7.77 6.94
N VAL B 235 18.62 -8.67 5.97
CA VAL B 235 17.44 -9.45 5.66
C VAL B 235 17.77 -10.92 5.87
N PRO B 236 16.81 -11.73 6.24
CA PRO B 236 17.07 -13.18 6.34
C PRO B 236 17.27 -13.74 4.95
N SER B 237 18.21 -14.66 4.81
CA SER B 237 18.54 -15.22 3.51
C SER B 237 17.49 -16.24 3.08
N TYR B 238 17.45 -16.49 1.77
CA TYR B 238 16.62 -17.56 1.25
C TYR B 238 16.91 -18.86 2.00
N ASP B 239 18.20 -19.20 2.20
CA ASP B 239 18.53 -20.48 2.82
C ASP B 239 18.04 -20.57 4.26
N LEU B 240 18.14 -19.46 4.99
CA LEU B 240 17.64 -19.43 6.37
C LEU B 240 16.13 -19.64 6.42
N LEU B 241 15.38 -18.90 5.60
CA LEU B 241 13.93 -19.06 5.56
C LEU B 241 13.56 -20.48 5.18
N LEU B 242 14.20 -21.01 4.12
CA LEU B 242 13.95 -22.39 3.69
C LEU B 242 14.22 -23.38 4.81
N GLU B 243 15.34 -23.21 5.53
CA GLU B 243 15.62 -24.13 6.64
C GLU B 243 14.55 -24.06 7.73
N MET B 244 14.06 -22.85 8.06
CA MET B 244 13.05 -22.72 9.10
C MET B 244 11.71 -23.32 8.64
N LEU B 245 11.41 -23.26 7.32
CA LEU B 245 10.22 -23.91 6.79
C LEU B 245 10.24 -25.42 7.03
N ASP B 246 11.42 -26.00 7.15
CA ASP B 246 11.61 -27.41 7.52
C ASP B 246 10.81 -28.34 6.59
N ALA B 247 11.27 -28.36 5.36
CA ALA B 247 10.66 -29.18 4.32
C ALA B 247 10.49 -30.66 4.77
N1 TTU C . 10.15 7.60 -14.51
C4 TTU C . 6.02 8.47 -15.40
C5 TTU C . 7.46 8.23 -14.95
C6 TTU C . 8.43 9.06 -15.34
C7 TTU C . 7.71 6.99 -14.14
C8 TTU C . 9.20 6.86 -13.76
C10 TTU C . 11.42 7.03 -14.77
C13 TTU C . 12.73 3.58 -13.68
C15 TTU C . 10.93 3.40 -15.26
C17 TTU C . 9.10 7.37 -12.32
C20 TTU C . 9.47 10.35 -13.15
C21 TTU C . 9.81 11.44 -12.17
C22 TTU C . 10.93 12.06 -12.20
C24 TTU C . 11.67 10.68 -14.11
C26 TTU C . 11.81 15.34 -10.65
C28 TTU C . 11.67 14.56 -12.80
C1 TTU C . 8.05 10.24 -16.19
C11 TTU C . 11.71 5.57 -14.47
C12 TTU C . 12.65 5.07 -13.74
C14 TTU C . 11.98 2.82 -14.36
C16 TTU C . 10.81 4.69 -15.30
C18 TTU C . 9.44 5.95 -12.55
C19 TTU C . 10.33 10.00 -14.05
C2 TTU C . 6.83 10.45 -16.54
C23 TTU C . 11.96 11.66 -13.28
C25 TTU C . 12.05 14.14 -11.54
C27 TTU C . 10.42 15.30 -12.38
C29 TTU C . 9.92 15.93 -10.51
C3 TTU C . 5.72 9.51 -16.14
C30 TTU C . 8.51 16.39 -10.97
C9 TTU C . 9.89 8.92 -14.96
N2 TTU C . 10.80 16.02 -11.26
O1 TTU C . 12.20 7.59 -15.39
O2 TTU C . 4.45 9.75 -16.53
O3 TTU C . 11.17 13.06 -11.20
N1 TTU D . 12.11 -2.40 14.81
C4 TTU D . 8.98 -5.13 15.71
C5 TTU D . 10.11 -4.21 15.30
C6 TTU D . 11.33 -4.47 15.69
C7 TTU D . 9.78 -2.98 14.45
C8 TTU D . 10.98 -2.25 13.94
C10 TTU D . 12.89 -1.26 15.19
C13 TTU D . 12.58 2.43 14.17
C15 TTU D . 10.69 1.77 15.53
C17 TTU D . 11.10 -2.63 12.44
C20 TTU D . 12.89 -5.12 13.40
C21 TTU D . 13.80 -5.83 12.44
C22 TTU D . 15.10 -5.78 12.47
C24 TTU D . 14.93 -4.26 14.38
C26 TTU D . 17.55 -7.91 10.71
C28 TTU D . 16.37 -8.11 12.69
C1 TTU D . 11.58 -5.71 16.54
C11 TTU D . 12.47 0.17 14.91
C12 TTU D . 13.16 1.03 14.26
C14 TTU D . 11.47 2.78 14.74
C16 TTU D . 11.16 0.55 15.56
C18 TTU D . 10.71 -1.25 12.77
C19 TTU D . 13.43 -4.38 14.31
C2 TTU D . 10.61 -6.48 16.90
C23 TTU D . 15.71 -4.92 13.55
C25 TTU D . 16.97 -7.17 11.87
C27 TTU D . 16.96 -9.37 12.22
C29 TTU D . 16.06 -9.50 10.33
C3 TTU D . 9.19 -6.20 16.45
C30 TTU D . 15.07 -10.59 10.90
C9 TTU D . 12.53 -3.66 15.29
N2 TTU D . 17.10 -9.19 10.88
O1 TTU D . 13.78 -1.43 15.90
O2 TTU D . 8.16 -7.00 16.79
O3 TTU D . 15.82 -6.48 11.49
#